data_9PDQ
#
_entry.id   9PDQ
#
_cell.length_a   1.00
_cell.length_b   1.00
_cell.length_c   1.00
_cell.angle_alpha   90.00
_cell.angle_beta   90.00
_cell.angle_gamma   90.00
#
_symmetry.space_group_name_H-M   'P 1'
#
loop_
_entity.id
_entity.type
_entity.pdbx_description
1 polymer 'Organic cation/carnitine transporter 2'
2 non-polymer 'SODIUM ION'
3 non-polymer CARNITINE
4 non-polymer 2-acetamido-2-deoxy-beta-D-glucopyranose
5 water water
#
_entity_poly.entity_id   1
_entity_poly.type   'polypeptide(L)'
_entity_poly.pdbx_seq_one_letter_code
;MRDYDEVTAFLGEWGPFQRLIFFLLSASIIPNGFTGLSSVFLIATPEHRCRVPDAANLSSAWRNHTVPLRLRDGREVPHS
CRRYRLATIANFSALGLEPGRDVDLGQLEQESCLDGWEFSQDVYLSTIVTEWNLVCEDDWKAPLTISLFFVGVLLGSFIS
GQLSDRFGRKNVLFVTMGMQTGFSFLQIFSKNFEMFVVLFVLVGMGQISNYVAAFVLGTEILGKSVRIIFSTLGVCIFYA
FGYMVLPLFAYFIRDWRMLLVALTMPGVLCVALWWFIPESPRWLISQGRFEEAEVIIRKAAKANGIVVPSTIFDPSELQD
LSSKKQQSHNILDLLRTWNIRMVTIMSIMLWMTISVGYFGLSLDTPNLHGDIFVNCFLSAMVEVPAYVLAWLLLQYLPRR
YSMATALFLGGSVLLFMQLVPPDLYYLATVLVMVGKFGVTAAFSMVYVYTAELYPTVVRNMGVGVSSTASRLGSILSPYF
VYLGAYDRFLPYILMGSLTILTAILTLFLPESFGTPLPDTIDQMLRVKGMKHRKTPSHTRMLKDGQERPTILKSTAFGAA
FESRLEVLFQ
;
_entity_poly.pdbx_strand_id   A
#
loop_
_chem_comp.id
_chem_comp.type
_chem_comp.name
_chem_comp.formula
152 non-polymer CARNITINE 'C7 H16 N O3 1'
NA non-polymer 'SODIUM ION' 'Na 1'
NAG D-saccharide, beta linking 2-acetamido-2-deoxy-beta-D-glucopyranose 'C8 H15 N O6'
#
# COMPACT_ATOMS: atom_id res chain seq x y z
N MET A 1 -19.46 -30.89 16.05
CA MET A 1 -19.43 -30.01 14.86
C MET A 1 -18.13 -30.21 14.07
N ARG A 2 -18.25 -30.84 12.91
CA ARG A 2 -17.08 -31.07 12.06
C ARG A 2 -16.54 -29.75 11.55
N ASP A 3 -15.24 -29.74 11.26
CA ASP A 3 -14.63 -28.55 10.70
C ASP A 3 -15.22 -28.25 9.33
N TYR A 4 -15.31 -26.95 9.01
CA TYR A 4 -15.92 -26.54 7.74
C TYR A 4 -15.26 -27.25 6.56
N ASP A 5 -13.94 -27.46 6.63
CA ASP A 5 -13.24 -28.12 5.53
C ASP A 5 -13.82 -29.51 5.27
N GLU A 6 -14.06 -30.26 6.33
CA GLU A 6 -14.59 -31.61 6.16
C GLU A 6 -16.03 -31.58 5.66
N VAL A 7 -16.82 -30.61 6.09
CA VAL A 7 -18.22 -30.55 5.70
C VAL A 7 -18.34 -30.38 4.19
N THR A 8 -17.53 -29.49 3.61
CA THR A 8 -17.56 -29.19 2.19
C THR A 8 -16.47 -29.91 1.41
N ALA A 9 -15.94 -31.01 1.95
CA ALA A 9 -14.88 -31.73 1.26
C ALA A 9 -15.35 -32.27 -0.07
N PHE A 10 -16.65 -32.56 -0.21
CA PHE A 10 -17.16 -33.18 -1.42
C PHE A 10 -17.13 -32.24 -2.62
N LEU A 11 -16.97 -30.93 -2.40
CA LEU A 11 -16.94 -30.00 -3.52
C LEU A 11 -15.67 -30.12 -4.34
N GLY A 12 -14.58 -30.53 -3.71
CA GLY A 12 -13.29 -30.61 -4.38
C GLY A 12 -12.52 -29.30 -4.29
N GLU A 13 -11.20 -29.43 -4.46
CA GLU A 13 -10.33 -28.26 -4.30
C GLU A 13 -10.43 -27.33 -5.50
N TRP A 14 -10.44 -27.88 -6.70
CA TRP A 14 -10.48 -27.12 -7.94
C TRP A 14 -11.69 -27.51 -8.77
N GLY A 15 -12.38 -26.51 -9.30
CA GLY A 15 -13.55 -26.71 -10.13
C GLY A 15 -14.05 -25.37 -10.60
N PRO A 16 -15.14 -25.37 -11.37
CA PRO A 16 -15.64 -24.07 -11.89
C PRO A 16 -15.92 -23.06 -10.81
N PHE A 17 -16.52 -23.47 -9.69
CA PHE A 17 -16.86 -22.53 -8.62
C PHE A 17 -15.59 -21.93 -8.00
N GLN A 18 -14.66 -22.78 -7.57
CA GLN A 18 -13.44 -22.29 -6.96
C GLN A 18 -12.62 -21.46 -7.95
N ARG A 19 -12.55 -21.92 -9.20
CA ARG A 19 -11.80 -21.16 -10.21
C ARG A 19 -12.39 -19.77 -10.40
N LEU A 20 -13.72 -19.69 -10.53
CA LEU A 20 -14.37 -18.41 -10.72
C LEU A 20 -14.13 -17.48 -9.54
N ILE A 21 -14.29 -17.99 -8.32
CA ILE A 21 -14.04 -17.15 -7.14
C ILE A 21 -12.59 -16.71 -7.12
N PHE A 22 -11.67 -17.64 -7.38
CA PHE A 22 -10.25 -17.31 -7.35
C PHE A 22 -9.95 -16.14 -8.27
N PHE A 23 -10.38 -16.23 -9.53
CA PHE A 23 -9.97 -15.23 -10.49
C PHE A 23 -10.80 -13.94 -10.39
N LEU A 24 -12.03 -13.99 -9.88
CA LEU A 24 -12.75 -12.74 -9.70
C LEU A 24 -12.26 -11.98 -8.47
N LEU A 25 -11.93 -12.67 -7.38
CA LEU A 25 -11.36 -11.97 -6.23
C LEU A 25 -9.95 -11.50 -6.53
N SER A 26 -9.20 -12.25 -7.34
CA SER A 26 -7.87 -11.78 -7.75
C SER A 26 -7.99 -10.53 -8.62
N ALA A 27 -8.94 -10.51 -9.54
CA ALA A 27 -9.11 -9.36 -10.42
C ALA A 27 -9.46 -8.09 -9.65
N SER A 28 -10.14 -8.24 -8.51
CA SER A 28 -10.53 -7.08 -7.71
C SER A 28 -9.33 -6.30 -7.19
N ILE A 29 -8.14 -6.90 -7.18
CA ILE A 29 -6.98 -6.29 -6.54
C ILE A 29 -6.18 -5.40 -7.48
N ILE A 30 -6.38 -5.52 -8.80
CA ILE A 30 -5.65 -4.68 -9.74
C ILE A 30 -5.87 -3.20 -9.45
N PRO A 31 -7.10 -2.73 -9.21
CA PRO A 31 -7.27 -1.32 -8.85
C PRO A 31 -6.48 -0.91 -7.62
N ASN A 32 -6.30 -1.83 -6.67
CA ASN A 32 -5.49 -1.51 -5.50
C ASN A 32 -4.03 -1.31 -5.89
N GLY A 33 -3.53 -2.10 -6.83
CA GLY A 33 -2.20 -1.88 -7.34
C GLY A 33 -2.06 -0.53 -8.03
N PHE A 34 -3.10 -0.14 -8.77
CA PHE A 34 -3.10 1.20 -9.37
C PHE A 34 -3.04 2.28 -8.29
N THR A 35 -3.92 2.19 -7.30
CA THR A 35 -4.13 3.31 -6.39
C THR A 35 -3.02 3.44 -5.36
N GLY A 36 -2.49 2.32 -4.87
CA GLY A 36 -1.71 2.35 -3.64
C GLY A 36 -0.54 3.32 -3.68
N LEU A 37 0.20 3.34 -4.78
CA LEU A 37 1.40 4.16 -4.91
C LEU A 37 1.27 5.22 -6.00
N SER A 38 0.03 5.59 -6.36
CA SER A 38 -0.16 6.59 -7.40
C SER A 38 0.43 7.94 -6.99
N SER A 39 0.60 8.18 -5.69
CA SER A 39 1.08 9.48 -5.24
C SER A 39 2.47 9.80 -5.78
N VAL A 40 3.21 8.80 -6.26
CA VAL A 40 4.55 9.05 -6.79
C VAL A 40 4.49 10.02 -7.96
N PHE A 41 3.52 9.85 -8.84
CA PHE A 41 3.36 10.72 -9.99
C PHE A 41 2.36 11.85 -9.76
N LEU A 42 1.31 11.62 -8.97
CA LEU A 42 0.33 12.69 -8.77
C LEU A 42 0.90 13.82 -7.92
N ILE A 43 1.86 13.54 -7.05
CA ILE A 43 2.41 14.55 -6.15
C ILE A 43 3.89 14.72 -6.41
N ALA A 44 4.31 14.59 -7.68
CA ALA A 44 5.69 14.85 -8.04
C ALA A 44 5.98 16.35 -8.01
N THR A 45 7.26 16.70 -7.83
CA THR A 45 7.72 18.08 -7.75
C THR A 45 8.66 18.38 -8.91
N PRO A 46 8.19 18.96 -10.00
CA PRO A 46 9.10 19.34 -11.09
C PRO A 46 9.99 20.50 -10.68
N GLU A 47 11.15 20.59 -11.35
CA GLU A 47 12.07 21.68 -11.09
C GLU A 47 11.39 23.02 -11.38
N HIS A 48 11.64 24.01 -10.52
CA HIS A 48 10.93 25.27 -10.59
C HIS A 48 11.83 26.42 -10.17
N ARG A 49 11.43 27.62 -10.58
CA ARG A 49 12.08 28.87 -10.21
C ARG A 49 11.06 29.99 -10.31
N CYS A 50 11.38 31.15 -9.73
CA CYS A 50 10.46 32.28 -9.78
C CYS A 50 10.17 32.68 -11.22
N ARG A 51 8.92 33.02 -11.49
CA ARG A 51 8.53 33.56 -12.78
C ARG A 51 8.79 35.07 -12.80
N VAL A 52 9.41 35.53 -13.88
CA VAL A 52 9.60 36.95 -14.14
C VAL A 52 8.69 37.32 -15.31
N PRO A 53 7.62 38.10 -15.09
CA PRO A 53 6.66 38.34 -16.18
C PRO A 53 7.32 38.99 -17.39
N ASP A 54 6.81 38.62 -18.57
CA ASP A 54 7.35 39.18 -19.81
C ASP A 54 7.14 40.68 -19.91
N ALA A 55 6.19 41.24 -19.15
CA ALA A 55 5.95 42.67 -19.21
C ALA A 55 7.23 43.46 -18.99
N ALA A 56 8.09 42.98 -18.10
CA ALA A 56 9.37 43.61 -17.82
C ALA A 56 10.33 43.27 -18.97
N ASN A 57 10.42 44.18 -19.94
CA ASN A 57 11.27 43.99 -21.10
C ASN A 57 12.73 44.19 -20.74
N LEU A 58 13.28 43.26 -19.95
CA LEU A 58 14.67 43.29 -19.56
C LEU A 58 15.58 42.95 -20.75
N SER A 59 16.82 43.40 -20.65
CA SER A 59 17.82 43.03 -21.63
C SER A 59 18.06 41.54 -21.62
N SER A 60 18.52 41.01 -22.76
CA SER A 60 18.79 39.58 -22.87
C SER A 60 19.75 39.13 -21.77
N ALA A 61 20.80 39.92 -21.52
CA ALA A 61 21.78 39.55 -20.51
C ALA A 61 21.13 39.41 -19.13
N TRP A 62 20.28 40.37 -18.77
CA TRP A 62 19.59 40.28 -17.49
C TRP A 62 18.67 39.08 -17.44
N ARG A 63 17.95 38.79 -18.53
CA ARG A 63 17.10 37.61 -18.54
C ARG A 63 17.89 36.32 -18.48
N ASN A 64 19.22 36.37 -18.67
CA ASN A 64 20.06 35.25 -18.30
C ASN A 64 20.28 35.16 -16.80
N HIS A 65 20.10 36.26 -16.07
CA HIS A 65 20.53 36.36 -14.68
C HIS A 65 19.45 37.02 -13.82
N THR A 66 18.22 36.52 -13.93
CA THR A 66 17.15 36.99 -13.05
C THR A 66 17.11 36.26 -11.71
N VAL A 67 17.79 35.12 -11.59
CA VAL A 67 17.66 34.27 -10.41
C VAL A 67 19.04 33.86 -9.89
N PRO A 68 19.26 33.85 -8.58
CA PRO A 68 20.54 33.36 -8.05
C PRO A 68 20.73 31.87 -8.34
N LEU A 69 21.99 31.49 -8.57
CA LEU A 69 22.35 30.09 -8.73
C LEU A 69 22.84 29.53 -7.39
N ARG A 70 22.66 28.22 -7.19
CA ARG A 70 23.07 27.60 -5.94
C ARG A 70 23.50 26.15 -6.17
N LEU A 71 24.25 25.65 -5.19
CA LEU A 71 24.88 24.32 -5.26
C LEU A 71 23.91 23.22 -4.83
N ARG A 72 22.91 22.99 -5.67
CA ARG A 72 22.01 21.86 -5.46
C ARG A 72 22.67 20.59 -5.98
N ASP A 73 23.17 19.76 -5.07
CA ASP A 73 23.94 18.56 -5.40
C ASP A 73 25.17 18.88 -6.24
N GLY A 74 25.81 20.02 -5.98
CA GLY A 74 26.97 20.42 -6.73
C GLY A 74 26.69 20.77 -8.18
N ARG A 75 25.43 20.77 -8.59
CA ARG A 75 25.04 21.20 -9.92
C ARG A 75 24.68 22.68 -9.83
N GLU A 76 25.31 23.50 -10.67
CA GLU A 76 25.09 24.94 -10.66
C GLU A 76 23.76 25.24 -11.34
N VAL A 77 22.70 25.40 -10.55
CA VAL A 77 21.35 25.55 -11.10
C VAL A 77 20.64 26.69 -10.39
N PRO A 78 19.61 27.26 -11.03
CA PRO A 78 18.91 28.42 -10.44
C PRO A 78 18.26 28.13 -9.09
N HIS A 79 18.16 29.17 -8.27
CA HIS A 79 17.51 29.08 -6.97
C HIS A 79 16.00 28.92 -7.16
N SER A 80 15.39 27.98 -6.42
CA SER A 80 13.99 27.62 -6.64
C SER A 80 12.99 28.52 -5.92
N CYS A 81 13.44 29.38 -5.01
CA CYS A 81 12.50 30.21 -4.24
C CYS A 81 12.91 31.67 -4.10
N ARG A 82 13.98 32.11 -4.76
CA ARG A 82 14.43 33.49 -4.68
C ARG A 82 14.72 34.04 -6.07
N ARG A 83 14.62 35.36 -6.19
CA ARG A 83 14.98 36.07 -7.40
C ARG A 83 15.61 37.40 -6.98
N TYR A 84 16.38 37.99 -7.89
CA TYR A 84 16.86 39.34 -7.65
C TYR A 84 15.69 40.32 -7.74
N ARG A 85 15.76 41.38 -6.95
CA ARG A 85 14.71 42.39 -6.91
C ARG A 85 14.36 42.83 -8.33
N LEU A 86 13.12 42.57 -8.75
CA LEU A 86 12.74 42.81 -10.14
C LEU A 86 12.88 44.29 -10.49
N ALA A 87 12.42 45.17 -9.61
CA ALA A 87 12.49 46.60 -9.89
C ALA A 87 13.94 47.05 -10.08
N THR A 88 14.84 46.56 -9.23
CA THR A 88 16.25 46.92 -9.35
C THR A 88 16.81 46.44 -10.68
N ILE A 89 16.49 45.21 -11.07
CA ILE A 89 16.98 44.66 -12.33
C ILE A 89 16.47 45.50 -13.50
N ALA A 90 15.19 45.86 -13.46
CA ALA A 90 14.60 46.68 -14.51
C ALA A 90 15.27 48.04 -14.57
N ASN A 91 15.53 48.65 -13.41
CA ASN A 91 16.19 49.94 -13.37
C ASN A 91 17.57 49.88 -14.00
N PHE A 92 18.36 48.86 -13.65
CA PHE A 92 19.68 48.71 -14.25
C PHE A 92 19.57 48.47 -15.75
N SER A 93 18.63 47.62 -16.17
CA SER A 93 18.46 47.36 -17.60
C SER A 93 18.17 48.64 -18.36
N ALA A 94 17.21 49.44 -17.86
CA ALA A 94 16.89 50.70 -18.51
C ALA A 94 18.10 51.62 -18.52
N LEU A 95 18.79 51.72 -17.38
CA LEU A 95 19.97 52.58 -17.29
C LEU A 95 21.09 52.10 -18.21
N GLY A 96 21.04 50.85 -18.66
CA GLY A 96 22.00 50.31 -19.60
C GLY A 96 23.04 49.39 -18.99
N LEU A 97 23.15 49.35 -17.67
CA LEU A 97 24.10 48.44 -17.03
C LEU A 97 23.67 46.99 -17.22
N GLU A 98 24.66 46.10 -17.23
CA GLU A 98 24.45 44.68 -17.43
C GLU A 98 25.13 43.89 -16.32
N PRO A 99 24.69 42.66 -16.06
CA PRO A 99 25.25 41.90 -14.94
C PRO A 99 26.73 41.60 -15.15
N GLY A 100 27.45 41.53 -14.04
CA GLY A 100 28.85 41.17 -14.06
C GLY A 100 29.75 42.29 -14.57
N ARG A 101 29.50 42.75 -15.79
CA ARG A 101 30.34 43.79 -16.37
C ARG A 101 30.17 45.11 -15.64
N ASP A 102 28.98 45.39 -15.13
CA ASP A 102 28.71 46.61 -14.38
C ASP A 102 28.21 46.38 -12.97
N VAL A 103 27.33 45.41 -12.76
CA VAL A 103 26.70 45.18 -11.46
C VAL A 103 27.16 43.83 -10.94
N ASP A 104 27.65 43.80 -9.70
CA ASP A 104 28.05 42.56 -9.05
C ASP A 104 26.83 41.86 -8.48
N LEU A 105 26.60 40.63 -8.93
CA LEU A 105 25.41 39.89 -8.49
C LEU A 105 25.45 39.54 -7.01
N GLY A 106 26.63 39.56 -6.39
CA GLY A 106 26.70 39.25 -4.97
C GLY A 106 26.01 40.27 -4.10
N GLN A 107 25.93 41.52 -4.56
CA GLN A 107 25.35 42.60 -3.77
C GLN A 107 23.89 42.87 -4.09
N LEU A 108 23.32 42.20 -5.09
CA LEU A 108 21.95 42.47 -5.49
C LEU A 108 20.97 42.05 -4.40
N GLU A 109 19.92 42.85 -4.24
CA GLU A 109 18.83 42.51 -3.32
C GLU A 109 18.04 41.33 -3.87
N GLN A 110 17.63 40.43 -2.98
CA GLN A 110 16.85 39.26 -3.34
C GLN A 110 15.48 39.32 -2.69
N GLU A 111 14.51 38.66 -3.34
CA GLU A 111 13.13 38.66 -2.88
C GLU A 111 12.47 37.35 -3.28
N SER A 112 11.36 37.03 -2.62
CA SER A 112 10.67 35.78 -2.88
C SER A 112 9.99 35.81 -4.25
N CYS A 113 9.45 34.66 -4.64
CA CYS A 113 8.78 34.48 -5.92
C CYS A 113 7.41 35.14 -5.83
N LEU A 114 7.37 36.45 -6.06
CA LEU A 114 6.11 37.19 -5.92
C LEU A 114 5.14 36.90 -7.07
N ASP A 115 5.64 36.65 -8.27
CA ASP A 115 4.79 36.39 -9.42
C ASP A 115 4.60 34.90 -9.69
N GLY A 116 4.90 34.05 -8.71
CA GLY A 116 4.71 32.62 -8.87
C GLY A 116 5.96 31.91 -9.33
N TRP A 117 5.75 30.68 -9.81
CA TRP A 117 6.83 29.81 -10.25
C TRP A 117 6.58 29.28 -11.65
N GLU A 118 7.67 28.99 -12.35
CA GLU A 118 7.65 28.35 -13.66
C GLU A 118 8.18 26.93 -13.48
N PHE A 119 7.29 25.94 -13.65
CA PHE A 119 7.67 24.54 -13.49
C PHE A 119 8.14 23.96 -14.82
N SER A 120 9.21 23.19 -14.76
CA SER A 120 9.74 22.54 -15.96
C SER A 120 8.75 21.53 -16.50
N GLN A 121 8.62 21.49 -17.82
CA GLN A 121 7.75 20.54 -18.51
C GLN A 121 8.48 19.31 -19.02
N ASP A 122 9.75 19.13 -18.66
CA ASP A 122 10.52 18.03 -19.22
C ASP A 122 10.01 16.67 -18.76
N VAL A 123 9.38 16.59 -17.59
CA VAL A 123 8.95 15.30 -17.07
C VAL A 123 7.43 15.29 -16.90
N TYR A 124 6.91 16.17 -16.04
CA TYR A 124 5.48 16.24 -15.78
C TYR A 124 4.89 17.53 -16.36
N LEU A 125 3.75 17.38 -17.04
CA LEU A 125 3.05 18.54 -17.56
C LEU A 125 2.29 19.28 -16.45
N SER A 126 1.75 18.55 -15.49
CA SER A 126 1.02 19.17 -14.40
C SER A 126 0.79 18.15 -13.30
N THR A 127 1.00 18.58 -12.06
CA THR A 127 0.68 17.78 -10.88
C THR A 127 0.05 18.70 -9.85
N ILE A 128 -0.44 18.11 -8.76
CA ILE A 128 -1.10 18.91 -7.73
C ILE A 128 -0.12 19.93 -7.17
N VAL A 129 1.16 19.57 -7.09
CA VAL A 129 2.18 20.53 -6.65
C VAL A 129 2.16 21.76 -7.55
N THR A 130 2.14 21.55 -8.86
CA THR A 130 2.08 22.68 -9.78
C THR A 130 0.71 23.32 -9.78
N GLU A 131 -0.35 22.52 -9.58
CA GLU A 131 -1.70 23.05 -9.62
C GLU A 131 -1.90 24.09 -8.52
N TRP A 132 -1.43 23.81 -7.30
CA TRP A 132 -1.59 24.74 -6.18
C TRP A 132 -0.26 25.19 -5.59
N ASN A 133 0.84 25.07 -6.34
CA ASN A 133 2.13 25.65 -5.96
C ASN A 133 2.52 25.22 -4.55
N LEU A 134 2.57 23.91 -4.34
CA LEU A 134 3.00 23.36 -3.06
C LEU A 134 4.52 23.33 -3.01
N VAL A 135 5.15 24.50 -3.21
CA VAL A 135 6.60 24.61 -3.26
C VAL A 135 7.04 25.75 -2.35
N CYS A 136 8.29 25.68 -1.92
CA CYS A 136 8.89 26.71 -1.08
C CYS A 136 8.19 26.80 0.27
N GLU A 137 7.47 27.91 0.51
CA GLU A 137 6.84 28.10 1.82
C GLU A 137 5.83 27.00 2.12
N ASP A 138 5.23 26.39 1.09
CA ASP A 138 4.21 25.38 1.27
C ASP A 138 4.67 24.00 0.81
N ASP A 139 5.98 23.78 0.72
CA ASP A 139 6.48 22.49 0.26
C ASP A 139 6.05 21.36 1.18
N TRP A 140 5.73 21.66 2.44
CA TRP A 140 5.39 20.62 3.40
C TRP A 140 4.02 19.99 3.15
N LYS A 141 3.21 20.55 2.25
CA LYS A 141 1.86 20.03 2.05
C LYS A 141 1.85 18.73 1.28
N ALA A 142 2.82 18.50 0.38
CA ALA A 142 2.87 17.24 -0.36
C ALA A 142 3.10 16.07 0.58
N PRO A 143 4.21 16.00 1.32
CA PRO A 143 4.35 14.89 2.28
C PRO A 143 3.21 14.85 3.27
N LEU A 144 2.64 16.00 3.63
CA LEU A 144 1.43 15.99 4.44
C LEU A 144 0.29 15.27 3.73
N THR A 145 0.17 15.48 2.42
CA THR A 145 -0.87 14.80 1.66
C THR A 145 -0.70 13.29 1.73
N ILE A 146 0.52 12.82 1.53
CA ILE A 146 0.78 11.38 1.58
C ILE A 146 0.52 10.84 2.99
N SER A 147 0.95 11.59 4.01
CA SER A 147 0.71 11.19 5.39
C SER A 147 -0.78 11.07 5.66
N LEU A 148 -1.58 12.02 5.17
CA LEU A 148 -3.02 11.95 5.35
C LEU A 148 -3.61 10.74 4.62
N PHE A 149 -3.10 10.42 3.43
CA PHE A 149 -3.56 9.23 2.73
C PHE A 149 -3.33 7.98 3.58
N PHE A 150 -2.15 7.87 4.18
CA PHE A 150 -1.88 6.70 5.01
C PHE A 150 -2.68 6.75 6.31
N VAL A 151 -3.00 7.94 6.81
CA VAL A 151 -3.91 8.05 7.95
C VAL A 151 -5.29 7.49 7.58
N GLY A 152 -5.76 7.82 6.38
CA GLY A 152 -6.98 7.22 5.88
C GLY A 152 -6.89 5.71 5.80
N VAL A 153 -5.74 5.20 5.35
CA VAL A 153 -5.53 3.75 5.35
C VAL A 153 -5.63 3.19 6.77
N LEU A 154 -5.04 3.88 7.73
CA LEU A 154 -5.12 3.46 9.13
C LEU A 154 -6.57 3.36 9.59
N LEU A 155 -7.34 4.41 9.34
CA LEU A 155 -8.74 4.43 9.78
C LEU A 155 -9.54 3.35 9.09
N GLY A 156 -9.31 3.15 7.80
CA GLY A 156 -10.01 2.09 7.08
C GLY A 156 -9.71 0.73 7.65
N SER A 157 -8.42 0.45 7.88
CA SER A 157 -8.05 -0.83 8.49
C SER A 157 -8.75 -1.01 9.82
N PHE A 158 -8.83 0.05 10.63
CA PHE A 158 -9.44 -0.10 11.95
C PHE A 158 -10.94 -0.39 11.84
N ILE A 159 -11.65 0.35 10.99
CA ILE A 159 -13.11 0.30 11.01
C ILE A 159 -13.64 -0.87 10.18
N SER A 160 -13.11 -1.05 8.97
CA SER A 160 -13.64 -2.06 8.07
C SER A 160 -13.59 -3.45 8.70
N GLY A 161 -12.59 -3.73 9.54
CA GLY A 161 -12.51 -5.05 10.14
C GLY A 161 -13.71 -5.36 11.02
N GLN A 162 -14.05 -4.45 11.92
CA GLN A 162 -15.20 -4.66 12.78
C GLN A 162 -16.49 -4.67 11.97
N LEU A 163 -16.61 -3.76 11.01
CA LEU A 163 -17.80 -3.74 10.17
C LEU A 163 -17.99 -5.07 9.47
N SER A 164 -16.90 -5.65 8.95
CA SER A 164 -16.99 -6.90 8.21
C SER A 164 -17.31 -8.07 9.13
N ASP A 165 -16.66 -8.14 10.30
CA ASP A 165 -16.94 -9.23 11.20
C ASP A 165 -18.32 -9.13 11.82
N ARG A 166 -18.95 -7.96 11.78
CA ARG A 166 -20.32 -7.83 12.25
C ARG A 166 -21.34 -8.15 11.16
N PHE A 167 -21.27 -7.43 10.03
CA PHE A 167 -22.28 -7.51 8.98
C PHE A 167 -21.80 -8.25 7.74
N GLY A 168 -20.89 -9.21 7.89
CA GLY A 168 -20.46 -10.03 6.78
C GLY A 168 -19.36 -9.37 5.96
N ARG A 169 -18.83 -10.13 5.02
CA ARG A 169 -17.66 -9.73 4.26
C ARG A 169 -17.97 -9.23 2.86
N LYS A 170 -19.00 -9.78 2.21
CA LYS A 170 -19.34 -9.32 0.86
C LYS A 170 -19.80 -7.87 0.88
N ASN A 171 -20.69 -7.52 1.81
CA ASN A 171 -21.22 -6.17 1.85
C ASN A 171 -20.12 -5.14 2.03
N VAL A 172 -19.20 -5.38 2.99
CA VAL A 172 -18.12 -4.44 3.22
C VAL A 172 -17.21 -4.38 2.00
N LEU A 173 -16.90 -5.53 1.41
CA LEU A 173 -16.06 -5.57 0.23
C LEU A 173 -16.62 -4.64 -0.84
N PHE A 174 -17.89 -4.78 -1.17
CA PHE A 174 -18.47 -4.00 -2.25
C PHE A 174 -18.64 -2.54 -1.86
N VAL A 175 -19.06 -2.27 -0.62
CA VAL A 175 -19.24 -0.88 -0.20
C VAL A 175 -17.94 -0.12 -0.29
N THR A 176 -16.85 -0.69 0.24
CA THR A 176 -15.59 0.04 0.23
C THR A 176 -14.93 0.04 -1.14
N MET A 177 -15.19 -0.97 -1.97
CA MET A 177 -14.73 -0.90 -3.36
C MET A 177 -15.41 0.24 -4.10
N GLY A 178 -16.72 0.39 -3.91
CA GLY A 178 -17.42 1.53 -4.47
C GLY A 178 -16.92 2.84 -3.92
N MET A 179 -16.60 2.87 -2.62
CA MET A 179 -16.02 4.08 -2.04
C MET A 179 -14.73 4.46 -2.75
N GLN A 180 -13.81 3.50 -2.90
CA GLN A 180 -12.55 3.79 -3.57
C GLN A 180 -12.82 4.38 -4.94
N THR A 181 -13.65 3.72 -5.74
CA THR A 181 -13.86 4.21 -7.10
C THR A 181 -14.54 5.58 -7.10
N GLY A 182 -15.57 5.75 -6.27
CA GLY A 182 -16.32 6.99 -6.29
C GLY A 182 -15.50 8.18 -5.85
N PHE A 183 -14.78 8.04 -4.74
CA PHE A 183 -13.97 9.16 -4.27
C PHE A 183 -12.75 9.38 -5.14
N SER A 184 -12.30 8.37 -5.89
CA SER A 184 -11.30 8.64 -6.90
C SER A 184 -11.88 9.47 -8.04
N PHE A 185 -13.15 9.22 -8.39
CA PHE A 185 -13.78 9.98 -9.47
C PHE A 185 -13.89 11.46 -9.13
N LEU A 186 -14.34 11.77 -7.90
CA LEU A 186 -14.54 13.16 -7.53
C LEU A 186 -13.24 13.94 -7.55
N GLN A 187 -12.12 13.29 -7.21
CA GLN A 187 -10.85 14.00 -7.17
C GLN A 187 -10.53 14.69 -8.49
N ILE A 188 -10.98 14.12 -9.60
CA ILE A 188 -10.72 14.72 -10.91
C ILE A 188 -11.26 16.15 -10.95
N PHE A 189 -12.49 16.34 -10.48
CA PHE A 189 -13.11 17.66 -10.44
C PHE A 189 -12.80 18.44 -9.17
N SER A 190 -11.69 18.13 -8.51
CA SER A 190 -11.28 18.91 -7.34
C SER A 190 -11.01 20.35 -7.74
N LYS A 191 -11.39 21.28 -6.87
CA LYS A 191 -11.12 22.69 -7.09
C LYS A 191 -10.24 23.32 -6.03
N ASN A 192 -10.07 22.68 -4.87
CA ASN A 192 -9.22 23.19 -3.80
C ASN A 192 -8.31 22.09 -3.30
N PHE A 193 -7.18 22.48 -2.73
CA PHE A 193 -6.26 21.51 -2.15
C PHE A 193 -6.91 20.77 -0.98
N GLU A 194 -7.66 21.49 -0.14
CA GLU A 194 -8.27 20.84 1.02
C GLU A 194 -9.26 19.75 0.60
N MET A 195 -10.08 20.03 -0.42
CA MET A 195 -11.02 19.01 -0.88
C MET A 195 -10.26 17.83 -1.47
N PHE A 196 -9.16 18.09 -2.18
CA PHE A 196 -8.36 17.00 -2.71
C PHE A 196 -7.83 16.11 -1.60
N VAL A 197 -7.28 16.71 -0.54
CA VAL A 197 -6.71 15.91 0.53
C VAL A 197 -7.80 15.09 1.23
N VAL A 198 -8.97 15.70 1.44
CA VAL A 198 -10.07 14.95 2.06
C VAL A 198 -10.44 13.75 1.20
N LEU A 199 -10.63 13.97 -0.10
CA LEU A 199 -10.98 12.87 -0.99
C LEU A 199 -9.89 11.81 -1.02
N PHE A 200 -8.63 12.23 -0.98
CA PHE A 200 -7.52 11.27 -1.00
C PHE A 200 -7.54 10.40 0.26
N VAL A 201 -7.82 11.01 1.41
CA VAL A 201 -7.97 10.25 2.65
C VAL A 201 -9.07 9.21 2.48
N LEU A 202 -10.23 9.62 1.98
CA LEU A 202 -11.33 8.68 1.79
C LEU A 202 -10.97 7.57 0.81
N VAL A 203 -10.19 7.89 -0.23
CA VAL A 203 -9.79 6.90 -1.22
C VAL A 203 -8.92 5.83 -0.57
N GLY A 204 -7.92 6.24 0.19
CA GLY A 204 -7.10 5.26 0.88
C GLY A 204 -7.92 4.43 1.86
N MET A 205 -8.87 5.08 2.53
CA MET A 205 -9.69 4.40 3.52
C MET A 205 -10.53 3.30 2.89
N GLY A 206 -11.09 3.55 1.71
CA GLY A 206 -11.78 2.48 1.00
C GLY A 206 -10.84 1.46 0.40
N GLN A 207 -9.69 1.93 -0.08
CA GLN A 207 -8.74 1.05 -0.76
C GLN A 207 -8.30 -0.09 0.15
N ILE A 208 -7.81 0.24 1.34
CA ILE A 208 -7.30 -0.83 2.20
C ILE A 208 -8.45 -1.71 2.67
N SER A 209 -9.60 -1.10 2.92
CA SER A 209 -10.76 -1.86 3.39
C SER A 209 -11.13 -2.95 2.40
N ASN A 210 -11.24 -2.59 1.12
CA ASN A 210 -11.65 -3.61 0.15
C ASN A 210 -10.54 -4.59 -0.16
N TYR A 211 -9.27 -4.16 -0.10
CA TYR A 211 -8.18 -5.14 -0.22
C TYR A 211 -8.30 -6.23 0.84
N VAL A 212 -8.41 -5.83 2.10
CA VAL A 212 -8.45 -6.81 3.18
C VAL A 212 -9.72 -7.64 3.09
N ALA A 213 -10.85 -7.02 2.73
CA ALA A 213 -12.09 -7.77 2.64
C ALA A 213 -12.00 -8.86 1.59
N ALA A 214 -11.48 -8.52 0.40
CA ALA A 214 -11.33 -9.54 -0.64
C ALA A 214 -10.37 -10.63 -0.19
N PHE A 215 -9.25 -10.24 0.43
CA PHE A 215 -8.27 -11.24 0.85
C PHE A 215 -8.90 -12.23 1.82
N VAL A 216 -9.60 -11.73 2.83
CA VAL A 216 -10.18 -12.60 3.85
C VAL A 216 -11.29 -13.47 3.26
N LEU A 217 -12.14 -12.88 2.42
CA LEU A 217 -13.24 -13.63 1.84
C LEU A 217 -12.71 -14.79 1.00
N GLY A 218 -11.70 -14.52 0.17
CA GLY A 218 -11.11 -15.58 -0.63
C GLY A 218 -10.40 -16.61 0.23
N THR A 219 -9.74 -16.17 1.31
CA THR A 219 -9.07 -17.11 2.20
C THR A 219 -10.08 -18.07 2.82
N GLU A 220 -11.25 -17.57 3.18
CA GLU A 220 -12.24 -18.42 3.84
C GLU A 220 -12.94 -19.35 2.84
N ILE A 221 -13.29 -18.82 1.66
CA ILE A 221 -14.03 -19.62 0.69
C ILE A 221 -13.20 -20.81 0.23
N LEU A 222 -11.96 -20.55 -0.19
CA LEU A 222 -11.17 -21.54 -0.89
C LEU A 222 -10.58 -22.56 0.08
N GLY A 223 -10.27 -23.74 -0.46
CA GLY A 223 -9.77 -24.84 0.34
C GLY A 223 -8.32 -24.66 0.75
N LYS A 224 -7.87 -25.59 1.59
CA LYS A 224 -6.52 -25.49 2.16
C LYS A 224 -5.46 -25.52 1.06
N SER A 225 -5.59 -26.42 0.09
CA SER A 225 -4.58 -26.55 -0.95
C SER A 225 -4.42 -25.25 -1.72
N VAL A 226 -5.55 -24.64 -2.13
CA VAL A 226 -5.51 -23.44 -2.96
C VAL A 226 -5.49 -22.15 -2.15
N ARG A 227 -5.59 -22.23 -0.82
CA ARG A 227 -5.53 -21.03 0.01
C ARG A 227 -4.22 -20.27 -0.20
N ILE A 228 -3.10 -20.98 -0.09
CA ILE A 228 -1.79 -20.34 -0.25
C ILE A 228 -1.62 -19.80 -1.65
N ILE A 229 -2.06 -20.57 -2.65
CA ILE A 229 -1.93 -20.11 -4.04
C ILE A 229 -2.72 -18.82 -4.23
N PHE A 230 -3.95 -18.78 -3.73
CA PHE A 230 -4.74 -17.54 -3.83
C PHE A 230 -4.05 -16.39 -3.12
N SER A 231 -3.51 -16.65 -1.92
CA SER A 231 -2.91 -15.56 -1.15
C SER A 231 -1.68 -14.99 -1.85
N THR A 232 -0.86 -15.84 -2.45
CA THR A 232 0.43 -15.40 -2.98
C THR A 232 0.39 -15.15 -4.48
N LEU A 233 0.06 -16.17 -5.27
CA LEU A 233 0.02 -16.01 -6.72
C LEU A 233 -1.27 -15.37 -7.21
N GLY A 234 -2.20 -15.05 -6.31
CA GLY A 234 -3.48 -14.46 -6.62
C GLY A 234 -3.44 -12.97 -6.33
N VAL A 235 -3.91 -12.58 -5.15
CA VAL A 235 -4.07 -11.17 -4.82
C VAL A 235 -2.75 -10.43 -5.00
N CYS A 236 -1.64 -11.01 -4.52
CA CYS A 236 -0.38 -10.27 -4.52
C CYS A 236 0.16 -10.08 -5.93
N ILE A 237 0.07 -11.11 -6.77
CA ILE A 237 0.57 -10.98 -8.14
C ILE A 237 -0.31 -10.01 -8.92
N PHE A 238 -1.62 -10.02 -8.68
CA PHE A 238 -2.46 -9.06 -9.40
C PHE A 238 -2.21 -7.64 -8.93
N TYR A 239 -1.95 -7.46 -7.64
CA TYR A 239 -1.46 -6.18 -7.14
C TYR A 239 -0.19 -5.76 -7.86
N ALA A 240 0.74 -6.70 -8.02
CA ALA A 240 1.99 -6.40 -8.71
C ALA A 240 1.72 -5.97 -10.15
N PHE A 241 0.78 -6.62 -10.82
CA PHE A 241 0.41 -6.22 -12.18
C PHE A 241 -0.09 -4.79 -12.21
N GLY A 242 -1.02 -4.46 -11.30
CA GLY A 242 -1.50 -3.08 -11.26
C GLY A 242 -0.38 -2.08 -11.01
N TYR A 243 0.52 -2.41 -10.08
CA TYR A 243 1.60 -1.50 -9.75
C TYR A 243 2.59 -1.36 -10.90
N MET A 244 2.82 -2.43 -11.66
CA MET A 244 3.69 -2.34 -12.83
C MET A 244 3.06 -1.49 -13.92
N VAL A 245 1.74 -1.59 -14.10
CA VAL A 245 1.10 -0.84 -15.16
C VAL A 245 0.94 0.63 -14.81
N LEU A 246 0.87 0.99 -13.52
CA LEU A 246 0.82 2.40 -13.13
C LEU A 246 1.85 3.27 -13.86
N PRO A 247 3.14 2.98 -13.82
CA PRO A 247 4.10 3.81 -14.58
C PRO A 247 3.84 3.80 -16.06
N LEU A 248 3.28 2.73 -16.61
CA LEU A 248 2.93 2.73 -18.03
C LEU A 248 1.93 3.83 -18.35
N PHE A 249 0.87 3.96 -17.54
CA PHE A 249 -0.04 5.08 -17.73
C PHE A 249 0.68 6.40 -17.53
N ALA A 250 1.48 6.51 -16.47
CA ALA A 250 2.13 7.78 -16.18
C ALA A 250 2.98 8.24 -17.36
N TYR A 251 3.65 7.30 -18.04
CA TYR A 251 4.54 7.66 -19.13
C TYR A 251 3.79 8.38 -20.26
N PHE A 252 2.64 7.85 -20.66
CA PHE A 252 1.88 8.43 -21.76
C PHE A 252 0.92 9.53 -21.32
N ILE A 253 0.61 9.65 -20.03
CA ILE A 253 -0.31 10.65 -19.53
C ILE A 253 0.43 11.44 -18.45
N ARG A 254 0.87 12.66 -18.80
CA ARG A 254 1.60 13.53 -17.88
C ARG A 254 0.70 14.49 -17.11
N ASP A 255 -0.60 14.51 -17.39
CA ASP A 255 -1.53 15.37 -16.68
C ASP A 255 -2.17 14.59 -15.53
N TRP A 256 -2.14 15.17 -14.33
CA TRP A 256 -2.61 14.44 -13.15
C TRP A 256 -4.10 14.12 -13.23
N ARG A 257 -4.91 15.04 -13.76
CA ARG A 257 -6.33 14.75 -13.92
C ARG A 257 -6.55 13.59 -14.89
N MET A 258 -5.90 13.64 -16.05
CA MET A 258 -6.04 12.55 -17.02
C MET A 258 -5.49 11.24 -16.45
N LEU A 259 -4.35 11.31 -15.75
CA LEU A 259 -3.80 10.11 -15.13
C LEU A 259 -4.79 9.51 -14.14
N LEU A 260 -5.41 10.34 -13.32
CA LEU A 260 -6.40 9.85 -12.36
C LEU A 260 -7.59 9.25 -13.08
N VAL A 261 -8.05 9.87 -14.16
CA VAL A 261 -9.14 9.31 -14.94
C VAL A 261 -8.77 7.91 -15.42
N ALA A 262 -7.56 7.76 -15.96
CA ALA A 262 -7.12 6.46 -16.44
C ALA A 262 -7.08 5.44 -15.31
N LEU A 263 -6.54 5.84 -14.16
CA LEU A 263 -6.40 4.91 -13.05
C LEU A 263 -7.74 4.49 -12.46
N THR A 264 -8.73 5.40 -12.47
CA THR A 264 -10.01 5.11 -11.84
C THR A 264 -10.89 4.23 -12.70
N MET A 265 -10.91 4.47 -14.01
CA MET A 265 -11.82 3.77 -14.92
C MET A 265 -11.79 2.26 -14.79
N PRO A 266 -10.64 1.59 -14.79
CA PRO A 266 -10.66 0.12 -14.73
C PRO A 266 -11.29 -0.42 -13.45
N GLY A 267 -11.30 0.35 -12.36
CA GLY A 267 -11.97 -0.10 -11.15
C GLY A 267 -13.47 -0.13 -11.26
N VAL A 268 -14.05 0.58 -12.24
CA VAL A 268 -15.50 0.60 -12.39
C VAL A 268 -16.04 -0.77 -12.78
N LEU A 269 -15.23 -1.54 -13.52
CA LEU A 269 -15.69 -2.83 -14.02
C LEU A 269 -16.01 -3.81 -12.90
N CYS A 270 -15.55 -3.55 -11.68
CA CYS A 270 -15.77 -4.49 -10.58
C CYS A 270 -17.24 -4.63 -10.20
N VAL A 271 -18.13 -3.78 -10.73
CA VAL A 271 -19.55 -3.89 -10.39
C VAL A 271 -20.08 -5.26 -10.77
N ALA A 272 -19.54 -5.86 -11.83
CA ALA A 272 -20.05 -7.13 -12.33
C ALA A 272 -19.88 -8.25 -11.31
N LEU A 273 -19.03 -8.07 -10.30
CA LEU A 273 -18.76 -9.13 -9.34
C LEU A 273 -19.92 -9.38 -8.39
N TRP A 274 -20.90 -8.46 -8.32
CA TRP A 274 -21.98 -8.62 -7.34
C TRP A 274 -22.76 -9.91 -7.56
N TRP A 275 -23.05 -10.26 -8.82
CA TRP A 275 -23.84 -11.45 -9.12
C TRP A 275 -23.05 -12.75 -9.05
N PHE A 276 -21.74 -12.71 -8.78
CA PHE A 276 -20.94 -13.92 -8.73
C PHE A 276 -20.29 -14.19 -7.38
N ILE A 277 -19.84 -13.15 -6.67
CA ILE A 277 -19.16 -13.38 -5.39
C ILE A 277 -20.19 -13.63 -4.31
N PRO A 278 -20.17 -14.79 -3.65
CA PRO A 278 -21.12 -15.06 -2.56
C PRO A 278 -20.55 -14.74 -1.19
N GLU A 279 -21.44 -14.65 -0.22
CA GLU A 279 -21.03 -14.48 1.17
C GLU A 279 -20.28 -15.72 1.65
N SER A 280 -19.28 -15.50 2.51
CA SER A 280 -18.49 -16.58 3.08
C SER A 280 -19.36 -17.57 3.83
N PRO A 281 -19.51 -18.81 3.35
CA PRO A 281 -20.27 -19.79 4.14
C PRO A 281 -19.65 -20.08 5.49
N ARG A 282 -18.32 -20.03 5.59
CA ARG A 282 -17.68 -20.22 6.88
C ARG A 282 -18.16 -19.19 7.89
N TRP A 283 -18.15 -17.92 7.50
CA TRP A 283 -18.61 -16.86 8.40
C TRP A 283 -20.07 -17.07 8.79
N LEU A 284 -20.91 -17.39 7.81
CA LEU A 284 -22.33 -17.60 8.12
C LEU A 284 -22.51 -18.73 9.12
N ILE A 285 -21.79 -19.84 8.93
CA ILE A 285 -21.87 -20.94 9.88
C ILE A 285 -21.40 -20.49 11.25
N SER A 286 -20.36 -19.65 11.30
CA SER A 286 -19.89 -19.13 12.57
C SER A 286 -20.98 -18.32 13.28
N GLN A 287 -21.67 -17.47 12.52
CA GLN A 287 -22.73 -16.65 13.10
C GLN A 287 -23.99 -17.45 13.40
N GLY A 288 -24.08 -18.69 12.94
CA GLY A 288 -25.25 -19.52 13.17
C GLY A 288 -26.29 -19.47 12.07
N ARG A 289 -26.06 -18.70 11.01
CA ARG A 289 -26.96 -18.64 9.87
C ARG A 289 -26.69 -19.84 8.95
N PHE A 290 -27.26 -20.97 9.36
CA PHE A 290 -27.01 -22.23 8.66
C PHE A 290 -27.70 -22.28 7.30
N GLU A 291 -28.89 -21.69 7.20
CA GLU A 291 -29.67 -21.81 5.97
C GLU A 291 -28.95 -21.16 4.79
N GLU A 292 -28.41 -19.95 5.01
CA GLU A 292 -27.72 -19.26 3.92
C GLU A 292 -26.45 -20.01 3.51
N ALA A 293 -25.69 -20.50 4.49
CA ALA A 293 -24.49 -21.26 4.18
C ALA A 293 -24.84 -22.51 3.38
N GLU A 294 -25.90 -23.20 3.79
CA GLU A 294 -26.32 -24.41 3.07
C GLU A 294 -26.75 -24.07 1.65
N VAL A 295 -27.45 -22.95 1.47
CA VAL A 295 -27.86 -22.55 0.12
C VAL A 295 -26.64 -22.28 -0.75
N ILE A 296 -25.65 -21.57 -0.20
CA ILE A 296 -24.45 -21.28 -0.98
C ILE A 296 -23.71 -22.57 -1.32
N ILE A 297 -23.61 -23.49 -0.36
CA ILE A 297 -22.92 -24.75 -0.63
C ILE A 297 -23.64 -25.54 -1.71
N ARG A 298 -24.98 -25.59 -1.65
CA ARG A 298 -25.74 -26.30 -2.68
C ARG A 298 -25.55 -25.65 -4.05
N LYS A 299 -25.55 -24.32 -4.11
CA LYS A 299 -25.30 -23.65 -5.38
C LYS A 299 -23.92 -24.01 -5.92
N ALA A 300 -22.91 -23.99 -5.05
CA ALA A 300 -21.56 -24.32 -5.47
C ALA A 300 -21.47 -25.75 -5.97
N ALA A 301 -22.11 -26.69 -5.27
CA ALA A 301 -22.11 -28.07 -5.70
C ALA A 301 -22.78 -28.22 -7.05
N LYS A 302 -23.89 -27.51 -7.27
CA LYS A 302 -24.55 -27.54 -8.56
C LYS A 302 -23.64 -26.99 -9.66
N ALA A 303 -22.91 -25.91 -9.36
CA ALA A 303 -22.00 -25.34 -10.34
C ALA A 303 -20.94 -26.34 -10.76
N ASN A 304 -20.36 -27.05 -9.79
CA ASN A 304 -19.32 -28.04 -10.07
C ASN A 304 -19.87 -29.33 -10.63
N GLY A 305 -21.20 -29.49 -10.69
CA GLY A 305 -21.79 -30.73 -11.16
C GLY A 305 -21.55 -31.90 -10.23
N ILE A 306 -21.71 -31.69 -8.93
CA ILE A 306 -21.51 -32.73 -7.92
C ILE A 306 -22.83 -32.96 -7.20
N VAL A 307 -23.23 -34.22 -7.07
CA VAL A 307 -24.49 -34.54 -6.41
C VAL A 307 -24.35 -34.23 -4.92
N VAL A 308 -25.20 -33.33 -4.44
CA VAL A 308 -25.14 -32.94 -3.03
C VAL A 308 -25.56 -34.13 -2.17
N PRO A 309 -24.95 -34.35 -1.00
CA PRO A 309 -25.41 -35.44 -0.13
C PRO A 309 -26.81 -35.17 0.43
N SER A 310 -27.32 -36.12 1.21
CA SER A 310 -28.68 -35.99 1.74
C SER A 310 -28.81 -34.75 2.62
N THR A 311 -27.85 -34.53 3.51
CA THR A 311 -27.86 -33.39 4.40
C THR A 311 -26.45 -32.87 4.59
N ILE A 312 -26.29 -31.55 4.52
CA ILE A 312 -24.96 -30.96 4.71
C ILE A 312 -24.53 -31.07 6.16
N PHE A 313 -25.44 -30.78 7.10
CA PHE A 313 -25.14 -30.77 8.52
C PHE A 313 -25.94 -31.85 9.24
N ASP A 314 -25.25 -32.63 10.05
CA ASP A 314 -25.92 -33.60 10.90
C ASP A 314 -26.78 -32.86 11.92
N PRO A 315 -28.04 -33.28 12.17
CA PRO A 315 -28.90 -32.56 13.13
C PRO A 315 -28.18 -32.23 14.44
N SER A 316 -27.30 -33.13 14.88
CA SER A 316 -26.54 -32.86 16.10
C SER A 316 -25.70 -31.60 15.94
N GLU A 317 -25.08 -31.42 14.77
CA GLU A 317 -24.32 -30.20 14.51
C GLU A 317 -25.23 -28.98 14.55
N LEU A 318 -26.44 -29.09 13.99
CA LEU A 318 -27.36 -27.96 14.00
C LEU A 318 -27.72 -27.57 15.43
N GLN A 319 -28.00 -28.55 16.29
CA GLN A 319 -28.32 -28.24 17.67
C GLN A 319 -27.10 -27.74 18.44
N ASP A 320 -25.90 -28.16 18.04
CA ASP A 320 -24.69 -27.75 18.76
C ASP A 320 -24.48 -26.25 18.70
N LEU A 321 -24.72 -25.64 17.54
CA LEU A 321 -24.47 -24.22 17.33
C LEU A 321 -25.63 -23.34 17.74
N SER A 322 -26.71 -23.91 18.28
CA SER A 322 -27.83 -23.09 18.73
C SER A 322 -27.40 -22.12 19.82
N SER A 323 -26.57 -22.58 20.76
CA SER A 323 -26.09 -21.69 21.82
C SER A 323 -25.14 -20.63 21.28
N LYS A 324 -24.37 -20.96 20.24
CA LYS A 324 -23.41 -20.03 19.67
C LYS A 324 -24.05 -19.07 18.67
N LYS A 325 -25.35 -19.17 18.42
CA LYS A 325 -26.06 -18.20 17.60
C LYS A 325 -26.38 -16.92 18.38
N GLN A 326 -26.21 -16.92 19.70
CA GLN A 326 -26.62 -15.80 20.54
C GLN A 326 -25.48 -14.83 20.81
N GLN A 327 -24.28 -15.32 21.11
CA GLN A 327 -23.20 -14.46 21.54
C GLN A 327 -22.68 -13.59 20.38
N SER A 328 -21.92 -12.57 20.73
CA SER A 328 -21.35 -11.64 19.75
C SER A 328 -19.93 -11.27 20.19
N HIS A 329 -19.16 -10.78 19.23
CA HIS A 329 -17.77 -10.42 19.46
C HIS A 329 -17.53 -8.98 19.01
N ASN A 330 -16.56 -8.33 19.65
CA ASN A 330 -16.23 -6.95 19.36
C ASN A 330 -14.71 -6.79 19.48
N ILE A 331 -14.25 -5.53 19.40
CA ILE A 331 -12.82 -5.24 19.42
C ILE A 331 -12.19 -5.73 20.71
N LEU A 332 -12.88 -5.55 21.83
CA LEU A 332 -12.29 -5.88 23.13
C LEU A 332 -11.96 -7.36 23.26
N ASP A 333 -12.52 -8.21 22.39
CA ASP A 333 -12.24 -9.64 22.48
C ASP A 333 -10.78 -9.95 22.17
N LEU A 334 -10.15 -9.16 21.30
CA LEU A 334 -8.75 -9.39 20.96
C LEU A 334 -7.83 -9.16 22.14
N LEU A 335 -8.31 -8.52 23.21
CA LEU A 335 -7.50 -8.26 24.39
C LEU A 335 -8.10 -8.85 25.66
N ARG A 336 -9.22 -9.56 25.58
CA ARG A 336 -9.86 -10.08 26.78
C ARG A 336 -8.97 -11.12 27.47
N THR A 337 -8.40 -12.04 26.70
CA THR A 337 -7.63 -13.14 27.25
C THR A 337 -6.14 -12.95 26.97
N TRP A 338 -5.32 -13.68 27.72
CA TRP A 338 -3.88 -13.48 27.66
C TRP A 338 -3.31 -13.96 26.32
N ASN A 339 -3.72 -15.15 25.88
CA ASN A 339 -3.13 -15.73 24.68
C ASN A 339 -3.39 -14.85 23.47
N ILE A 340 -4.65 -14.48 23.24
CA ILE A 340 -4.98 -13.64 22.09
C ILE A 340 -4.32 -12.29 22.21
N ARG A 341 -4.20 -11.76 23.43
CA ARG A 341 -3.55 -10.46 23.61
C ARG A 341 -2.09 -10.51 23.17
N MET A 342 -1.37 -11.54 23.61
CA MET A 342 0.03 -11.67 23.21
C MET A 342 0.16 -11.86 21.71
N VAL A 343 -0.70 -12.69 21.12
CA VAL A 343 -0.68 -12.88 19.68
C VAL A 343 -0.88 -11.56 18.97
N THR A 344 -1.84 -10.77 19.45
CA THR A 344 -2.12 -9.47 18.83
C THR A 344 -0.92 -8.54 18.92
N ILE A 345 -0.28 -8.48 20.08
CA ILE A 345 0.88 -7.60 20.24
C ILE A 345 1.99 -8.00 19.26
N MET A 346 2.29 -9.30 19.21
CA MET A 346 3.37 -9.75 18.32
C MET A 346 3.03 -9.49 16.86
N SER A 347 1.77 -9.74 16.48
CA SER A 347 1.35 -9.47 15.11
C SER A 347 1.49 -7.99 14.78
N ILE A 348 1.10 -7.11 15.72
CA ILE A 348 1.24 -5.68 15.50
C ILE A 348 2.69 -5.31 15.27
N MET A 349 3.59 -5.83 16.11
CA MET A 349 5.01 -5.52 15.92
C MET A 349 5.50 -5.98 14.55
N LEU A 350 5.16 -7.22 14.16
CA LEU A 350 5.56 -7.72 12.85
C LEU A 350 5.06 -6.81 11.73
N TRP A 351 3.77 -6.49 11.75
CA TRP A 351 3.20 -5.68 10.68
C TRP A 351 3.85 -4.30 10.63
N MET A 352 4.02 -3.67 11.78
CA MET A 352 4.59 -2.32 11.80
C MET A 352 6.00 -2.33 11.23
N THR A 353 6.84 -3.25 11.69
CA THR A 353 8.22 -3.26 11.23
C THR A 353 8.31 -3.61 9.75
N ILE A 354 7.46 -4.52 9.27
CA ILE A 354 7.51 -4.87 7.85
C ILE A 354 7.07 -3.68 6.99
N SER A 355 5.92 -3.08 7.33
CA SER A 355 5.37 -1.99 6.53
C SER A 355 6.32 -0.80 6.50
N VAL A 356 6.98 -0.52 7.62
CA VAL A 356 7.95 0.57 7.66
C VAL A 356 8.88 0.42 6.47
N GLY A 357 9.58 -0.73 6.39
CA GLY A 357 10.54 -0.93 5.33
C GLY A 357 9.89 -0.94 3.96
N TYR A 358 8.79 -1.67 3.82
CA TYR A 358 8.15 -1.79 2.52
C TYR A 358 7.83 -0.43 1.93
N PHE A 359 7.13 0.41 2.68
CA PHE A 359 6.74 1.71 2.13
C PHE A 359 7.89 2.70 2.14
N GLY A 360 8.92 2.48 2.97
CA GLY A 360 10.10 3.31 2.87
C GLY A 360 10.81 3.12 1.53
N LEU A 361 10.99 1.87 1.11
CA LEU A 361 11.65 1.61 -0.15
C LEU A 361 10.76 1.98 -1.33
N SER A 362 9.46 1.68 -1.24
CA SER A 362 8.57 1.90 -2.38
C SER A 362 8.51 3.37 -2.77
N LEU A 363 8.37 4.26 -1.79
CA LEU A 363 8.23 5.68 -2.06
C LEU A 363 9.56 6.36 -2.38
N ASP A 364 10.68 5.68 -2.22
CA ASP A 364 11.99 6.28 -2.46
C ASP A 364 12.41 6.22 -3.92
N THR A 365 11.64 5.57 -4.79
CA THR A 365 12.04 5.42 -6.19
C THR A 365 12.37 6.75 -6.86
N PRO A 366 11.60 7.83 -6.67
CA PRO A 366 11.93 9.08 -7.39
C PRO A 366 13.35 9.56 -7.16
N ASN A 367 13.88 9.37 -5.94
CA ASN A 367 15.22 9.86 -5.63
C ASN A 367 16.31 8.98 -6.21
N LEU A 368 15.99 7.77 -6.66
CA LEU A 368 17.00 6.90 -7.24
C LEU A 368 17.54 7.47 -8.54
N HIS A 369 18.80 7.17 -8.83
CA HIS A 369 19.43 7.58 -10.07
C HIS A 369 18.73 6.93 -11.26
N GLY A 370 18.56 7.70 -12.32
CA GLY A 370 17.98 7.20 -13.56
C GLY A 370 16.57 7.73 -13.78
N ASP A 371 15.97 7.23 -14.85
CA ASP A 371 14.62 7.64 -15.21
C ASP A 371 13.63 7.21 -14.14
N ILE A 372 12.66 8.10 -13.85
CA ILE A 372 11.68 7.80 -12.81
C ILE A 372 10.78 6.64 -13.23
N PHE A 373 10.31 6.65 -14.47
CA PHE A 373 9.42 5.58 -14.93
C PHE A 373 10.12 4.22 -14.90
N VAL A 374 11.37 4.17 -15.36
CA VAL A 374 12.08 2.90 -15.36
C VAL A 374 12.29 2.41 -13.93
N ASN A 375 12.68 3.31 -13.03
CA ASN A 375 12.89 2.91 -11.64
C ASN A 375 11.60 2.40 -11.02
N CYS A 376 10.49 3.10 -11.26
CA CYS A 376 9.21 2.67 -10.72
C CYS A 376 8.82 1.30 -11.27
N PHE A 377 9.01 1.08 -12.57
CA PHE A 377 8.72 -0.21 -13.16
C PHE A 377 9.55 -1.31 -12.52
N LEU A 378 10.86 -1.07 -12.37
CA LEU A 378 11.72 -2.06 -11.75
C LEU A 378 11.26 -2.37 -10.33
N SER A 379 10.91 -1.33 -9.58
CA SER A 379 10.41 -1.53 -8.22
C SER A 379 9.17 -2.42 -8.23
N ALA A 380 8.24 -2.16 -9.16
CA ALA A 380 7.05 -3.00 -9.27
C ALA A 380 7.39 -4.38 -9.81
N MET A 381 8.29 -4.44 -10.79
CA MET A 381 8.62 -5.72 -11.43
C MET A 381 9.19 -6.71 -10.41
N VAL A 382 10.08 -6.23 -9.54
CA VAL A 382 10.80 -7.14 -8.64
C VAL A 382 9.87 -7.85 -7.66
N GLU A 383 8.62 -7.40 -7.55
CA GLU A 383 7.71 -8.00 -6.57
C GLU A 383 7.32 -9.42 -6.97
N VAL A 384 7.10 -9.66 -8.26
CA VAL A 384 6.58 -10.95 -8.71
C VAL A 384 7.46 -12.09 -8.23
N PRO A 385 8.78 -12.04 -8.44
CA PRO A 385 9.63 -13.09 -7.86
C PRO A 385 9.49 -13.19 -6.35
N ALA A 386 9.29 -12.05 -5.67
CA ALA A 386 9.10 -12.09 -4.22
C ALA A 386 7.87 -12.90 -3.85
N TYR A 387 6.76 -12.70 -4.57
CA TYR A 387 5.54 -13.45 -4.29
C TYR A 387 5.68 -14.92 -4.66
N VAL A 388 6.41 -15.23 -5.73
CA VAL A 388 6.66 -16.64 -6.05
C VAL A 388 7.45 -17.30 -4.91
N LEU A 389 8.48 -16.62 -4.43
CA LEU A 389 9.26 -17.15 -3.31
C LEU A 389 8.40 -17.31 -2.06
N ALA A 390 7.53 -16.33 -1.79
CA ALA A 390 6.63 -16.42 -0.66
C ALA A 390 5.73 -17.63 -0.78
N TRP A 391 5.18 -17.86 -1.97
CA TRP A 391 4.36 -19.04 -2.22
C TRP A 391 5.13 -20.30 -1.88
N LEU A 392 6.35 -20.43 -2.42
CA LEU A 392 7.13 -21.64 -2.17
C LEU A 392 7.40 -21.83 -0.69
N LEU A 393 7.78 -20.75 0.00
CA LEU A 393 8.12 -20.86 1.41
C LEU A 393 6.92 -21.25 2.25
N LEU A 394 5.76 -20.63 2.00
CA LEU A 394 4.56 -21.00 2.75
C LEU A 394 4.14 -22.43 2.45
N GLN A 395 4.34 -22.89 1.21
CA GLN A 395 3.93 -24.24 0.87
C GLN A 395 4.81 -25.29 1.53
N TYR A 396 6.14 -25.07 1.54
CA TYR A 396 7.07 -26.14 1.89
C TYR A 396 7.88 -25.89 3.16
N LEU A 397 7.72 -24.76 3.83
CA LEU A 397 8.50 -24.49 5.02
C LEU A 397 7.61 -24.04 6.16
N PRO A 398 8.03 -24.26 7.41
CA PRO A 398 7.28 -23.71 8.54
C PRO A 398 7.25 -22.19 8.50
N ARG A 399 6.15 -21.62 8.98
CA ARG A 399 5.99 -20.17 8.96
C ARG A 399 7.15 -19.46 9.65
N ARG A 400 7.52 -19.93 10.84
CA ARG A 400 8.51 -19.20 11.64
C ARG A 400 9.84 -19.10 10.91
N TYR A 401 10.38 -20.23 10.46
CA TYR A 401 11.69 -20.22 9.82
C TYR A 401 11.69 -19.42 8.53
N SER A 402 10.65 -19.59 7.71
CA SER A 402 10.60 -18.85 6.45
C SER A 402 10.52 -17.35 6.68
N MET A 403 9.65 -16.93 7.61
CA MET A 403 9.55 -15.51 7.91
C MET A 403 10.87 -14.95 8.46
N ALA A 404 11.52 -15.71 9.35
CA ALA A 404 12.79 -15.26 9.89
C ALA A 404 13.83 -15.11 8.79
N THR A 405 13.90 -16.07 7.87
CA THR A 405 14.87 -15.98 6.78
C THR A 405 14.58 -14.80 5.88
N ALA A 406 13.30 -14.59 5.53
CA ALA A 406 12.97 -13.48 4.65
C ALA A 406 13.32 -12.14 5.30
N LEU A 407 12.94 -11.97 6.57
CA LEU A 407 13.28 -10.74 7.27
C LEU A 407 14.79 -10.55 7.37
N PHE A 408 15.51 -11.62 7.71
CA PHE A 408 16.95 -11.50 7.84
C PHE A 408 17.60 -11.09 6.53
N LEU A 409 17.15 -11.69 5.41
CA LEU A 409 17.68 -11.30 4.11
C LEU A 409 17.40 -9.83 3.84
N GLY A 410 16.15 -9.41 4.01
CA GLY A 410 15.81 -8.02 3.74
C GLY A 410 16.62 -7.05 4.57
N GLY A 411 16.76 -7.33 5.86
CA GLY A 411 17.52 -6.45 6.73
C GLY A 411 19.00 -6.42 6.40
N SER A 412 19.60 -7.59 6.18
CA SER A 412 21.03 -7.65 5.94
C SER A 412 21.39 -6.97 4.62
N VAL A 413 20.55 -7.12 3.60
CA VAL A 413 20.86 -6.50 2.31
C VAL A 413 20.91 -4.99 2.45
N LEU A 414 19.95 -4.41 3.16
CA LEU A 414 19.92 -2.95 3.32
C LEU A 414 21.06 -2.48 4.22
N LEU A 415 21.38 -3.24 5.26
CA LEU A 415 22.35 -2.79 6.24
C LEU A 415 23.74 -2.58 5.64
N PHE A 416 24.02 -3.15 4.47
CA PHE A 416 25.31 -3.05 3.82
C PHE A 416 25.37 -1.94 2.79
N MET A 417 24.33 -1.10 2.71
CA MET A 417 24.31 -0.04 1.71
C MET A 417 25.49 0.91 1.86
N GLN A 418 26.04 1.02 3.08
CA GLN A 418 27.12 1.97 3.32
C GLN A 418 28.43 1.57 2.64
N LEU A 419 28.56 0.30 2.23
CA LEU A 419 29.80 -0.20 1.67
C LEU A 419 29.88 -0.01 0.16
N VAL A 420 28.84 0.49 -0.47
CA VAL A 420 28.86 0.64 -1.94
C VAL A 420 29.88 1.72 -2.32
N PRO A 421 30.65 1.54 -3.38
CA PRO A 421 31.53 2.63 -3.84
C PRO A 421 30.72 3.82 -4.31
N PRO A 422 31.36 5.00 -4.41
CA PRO A 422 30.58 6.20 -4.75
C PRO A 422 30.06 6.23 -6.18
N ASP A 423 30.90 5.87 -7.14
CA ASP A 423 30.52 5.97 -8.55
C ASP A 423 29.69 4.81 -9.04
N LEU A 424 29.59 3.72 -8.27
CA LEU A 424 28.84 2.54 -8.68
C LEU A 424 27.40 2.67 -8.20
N TYR A 425 26.63 3.51 -8.91
CA TYR A 425 25.21 3.64 -8.61
C TYR A 425 24.49 2.31 -8.77
N TYR A 426 24.81 1.56 -9.83
CA TYR A 426 24.07 0.34 -10.09
C TYR A 426 24.17 -0.64 -8.93
N LEU A 427 25.30 -0.65 -8.23
CA LEU A 427 25.43 -1.52 -7.06
C LEU A 427 24.39 -1.15 -6.01
N ALA A 428 24.24 0.14 -5.74
CA ALA A 428 23.23 0.59 -4.80
C ALA A 428 21.83 0.24 -5.30
N THR A 429 21.61 0.37 -6.61
CA THR A 429 20.29 0.08 -7.16
C THR A 429 19.93 -1.39 -6.95
N VAL A 430 20.86 -2.30 -7.23
CA VAL A 430 20.55 -3.72 -7.05
C VAL A 430 20.43 -4.05 -5.56
N LEU A 431 21.22 -3.41 -4.70
CA LEU A 431 21.04 -3.65 -3.27
C LEU A 431 19.65 -3.24 -2.81
N VAL A 432 19.19 -2.07 -3.25
CA VAL A 432 17.86 -1.61 -2.88
C VAL A 432 16.79 -2.54 -3.45
N MET A 433 16.98 -2.99 -4.69
CA MET A 433 16.01 -3.90 -5.29
C MET A 433 15.92 -5.21 -4.51
N VAL A 434 17.07 -5.75 -4.09
CA VAL A 434 17.05 -7.00 -3.34
C VAL A 434 16.40 -6.80 -1.97
N GLY A 435 16.68 -5.66 -1.32
CA GLY A 435 15.99 -5.36 -0.09
C GLY A 435 14.49 -5.27 -0.26
N LYS A 436 14.05 -4.62 -1.33
CA LYS A 436 12.62 -4.57 -1.66
C LYS A 436 12.06 -5.97 -1.88
N PHE A 437 12.80 -6.81 -2.60
CA PHE A 437 12.36 -8.17 -2.85
C PHE A 437 12.12 -8.91 -1.54
N GLY A 438 13.10 -8.85 -0.63
CA GLY A 438 12.95 -9.53 0.65
C GLY A 438 11.79 -8.99 1.46
N VAL A 439 11.68 -7.67 1.55
CA VAL A 439 10.62 -7.08 2.37
C VAL A 439 9.26 -7.39 1.78
N THR A 440 9.16 -7.41 0.44
CA THR A 440 7.90 -7.77 -0.21
C THR A 440 7.52 -9.21 0.09
N ALA A 441 8.48 -10.12 0.04
CA ALA A 441 8.21 -11.50 0.40
C ALA A 441 7.69 -11.59 1.83
N ALA A 442 8.36 -10.89 2.75
CA ALA A 442 7.92 -10.91 4.15
C ALA A 442 6.52 -10.36 4.29
N PHE A 443 6.21 -9.26 3.59
CA PHE A 443 4.89 -8.66 3.67
C PHE A 443 3.83 -9.62 3.16
N SER A 444 4.10 -10.30 2.05
CA SER A 444 3.16 -11.27 1.53
C SER A 444 2.91 -12.39 2.53
N MET A 445 3.98 -12.89 3.16
CA MET A 445 3.84 -14.01 4.09
C MET A 445 3.09 -13.60 5.36
N VAL A 446 3.33 -12.38 5.85
CA VAL A 446 2.75 -11.96 7.12
C VAL A 446 1.22 -11.92 7.02
N TYR A 447 0.70 -11.55 5.85
CA TYR A 447 -0.75 -11.54 5.67
C TYR A 447 -1.33 -12.91 5.92
N VAL A 448 -0.75 -13.94 5.29
CA VAL A 448 -1.22 -15.31 5.46
C VAL A 448 -1.08 -15.74 6.91
N TYR A 449 0.06 -15.43 7.52
CA TYR A 449 0.27 -15.82 8.91
C TYR A 449 -0.81 -15.25 9.81
N THR A 450 -1.05 -13.95 9.71
CA THR A 450 -2.05 -13.30 10.56
C THR A 450 -3.43 -13.88 10.29
N ALA A 451 -3.77 -14.08 9.02
CA ALA A 451 -5.08 -14.65 8.69
C ALA A 451 -5.26 -16.02 9.34
N GLU A 452 -4.23 -16.86 9.27
CA GLU A 452 -4.32 -18.19 9.85
C GLU A 452 -4.46 -18.13 11.36
N LEU A 453 -3.66 -17.27 12.02
CA LEU A 453 -3.63 -17.27 13.48
C LEU A 453 -5.00 -16.97 14.08
N TYR A 454 -5.68 -15.94 13.59
CA TYR A 454 -6.93 -15.55 14.21
C TYR A 454 -8.10 -16.45 13.79
N PRO A 455 -9.08 -16.64 14.68
CA PRO A 455 -10.25 -17.43 14.33
C PRO A 455 -11.22 -16.66 13.46
N THR A 456 -12.10 -17.40 12.80
CA THR A 456 -13.03 -16.79 11.86
C THR A 456 -13.91 -15.75 12.53
N VAL A 457 -14.22 -15.92 13.82
CA VAL A 457 -15.10 -14.97 14.50
C VAL A 457 -14.49 -13.58 14.49
N VAL A 458 -13.18 -13.49 14.65
CA VAL A 458 -12.50 -12.20 14.71
C VAL A 458 -11.36 -12.14 13.69
N ARG A 459 -11.42 -12.98 12.66
CA ARG A 459 -10.36 -12.98 11.66
C ARG A 459 -10.20 -11.62 11.00
N ASN A 460 -11.28 -11.07 10.46
CA ASN A 460 -11.18 -9.79 9.78
C ASN A 460 -10.82 -8.69 10.78
N MET A 461 -11.39 -8.73 11.99
CA MET A 461 -11.04 -7.75 13.00
C MET A 461 -9.56 -7.85 13.36
N GLY A 462 -9.06 -9.07 13.53
CA GLY A 462 -7.65 -9.24 13.88
C GLY A 462 -6.73 -8.71 12.79
N VAL A 463 -7.00 -9.07 11.54
CA VAL A 463 -6.17 -8.60 10.44
C VAL A 463 -6.24 -7.08 10.33
N GLY A 464 -7.45 -6.52 10.48
CA GLY A 464 -7.58 -5.07 10.43
C GLY A 464 -6.82 -4.37 11.54
N VAL A 465 -6.88 -4.91 12.75
CA VAL A 465 -6.14 -4.32 13.86
C VAL A 465 -4.65 -4.35 13.59
N SER A 466 -4.15 -5.51 13.13
CA SER A 466 -2.73 -5.60 12.80
C SER A 466 -2.36 -4.58 11.72
N SER A 467 -3.21 -4.42 10.70
CA SER A 467 -2.93 -3.47 9.64
C SER A 467 -3.00 -2.03 10.13
N THR A 468 -3.79 -1.77 11.19
CA THR A 468 -3.94 -0.40 11.68
C THR A 468 -2.62 0.13 12.23
N ALA A 469 -2.04 -0.58 13.20
CA ALA A 469 -0.76 -0.17 13.75
C ALA A 469 0.35 -0.21 12.72
N SER A 470 0.15 -0.95 11.63
CA SER A 470 1.16 -1.03 10.58
C SER A 470 1.41 0.32 9.93
N ARG A 471 0.38 1.17 9.84
CA ARG A 471 0.47 2.39 9.06
C ARG A 471 1.16 3.53 9.79
N LEU A 472 1.51 3.36 11.06
CA LEU A 472 2.30 4.39 11.73
C LEU A 472 3.59 4.66 10.97
N GLY A 473 4.29 3.60 10.56
CA GLY A 473 5.49 3.79 9.75
C GLY A 473 5.21 4.45 8.42
N SER A 474 4.13 4.03 7.75
CA SER A 474 3.80 4.62 6.45
C SER A 474 3.51 6.11 6.57
N ILE A 475 2.86 6.52 7.66
CA ILE A 475 2.56 7.94 7.85
C ILE A 475 3.85 8.77 7.86
N LEU A 476 4.87 8.28 8.56
CA LEU A 476 6.15 8.99 8.61
C LEU A 476 7.07 8.63 7.45
N SER A 477 6.72 7.62 6.64
CA SER A 477 7.57 7.25 5.51
C SER A 477 7.90 8.42 4.60
N PRO A 478 6.96 9.27 4.19
CA PRO A 478 7.32 10.38 3.29
C PRO A 478 8.41 11.28 3.85
N TYR A 479 8.53 11.39 5.17
CA TYR A 479 9.50 12.29 5.77
C TYR A 479 10.89 11.68 5.89
N PHE A 480 11.09 10.44 5.43
CA PHE A 480 12.44 9.87 5.44
C PHE A 480 13.40 10.69 4.58
N VAL A 481 12.89 11.39 3.58
CA VAL A 481 13.77 12.22 2.74
C VAL A 481 14.39 13.32 3.58
N TYR A 482 13.65 13.86 4.55
CA TYR A 482 14.23 14.83 5.47
C TYR A 482 15.37 14.23 6.26
N LEU A 483 15.19 12.99 6.72
CA LEU A 483 16.23 12.33 7.52
C LEU A 483 17.50 12.13 6.71
N GLY A 484 17.39 12.04 5.38
CA GLY A 484 18.56 11.87 4.54
C GLY A 484 19.56 12.99 4.67
N ALA A 485 19.13 14.17 5.10
CA ALA A 485 20.06 15.29 5.27
C ALA A 485 21.13 14.96 6.30
N TYR A 486 20.73 14.32 7.41
CA TYR A 486 21.70 13.94 8.43
C TYR A 486 22.76 13.00 7.85
N ASP A 487 22.32 12.01 7.08
CA ASP A 487 23.23 11.10 6.39
C ASP A 487 22.43 10.27 5.40
N ARG A 488 22.99 10.11 4.20
CA ARG A 488 22.28 9.40 3.14
C ARG A 488 21.98 7.95 3.54
N PHE A 489 22.95 7.28 4.17
CA PHE A 489 22.78 5.87 4.51
C PHE A 489 22.00 5.66 5.80
N LEU A 490 21.71 6.71 6.56
CA LEU A 490 21.05 6.52 7.85
C LEU A 490 19.69 5.84 7.72
N PRO A 491 18.79 6.27 6.84
CA PRO A 491 17.49 5.57 6.78
C PRO A 491 17.62 4.10 6.44
N TYR A 492 18.53 3.74 5.54
CA TYR A 492 18.75 2.33 5.23
C TYR A 492 19.27 1.60 6.47
N ILE A 493 20.16 2.23 7.23
CA ILE A 493 20.67 1.61 8.44
C ILE A 493 19.52 1.31 9.39
N LEU A 494 18.62 2.29 9.57
CA LEU A 494 17.52 2.11 10.50
C LEU A 494 16.58 1.01 10.04
N MET A 495 16.21 1.02 8.75
CA MET A 495 15.31 -0.02 8.24
C MET A 495 15.92 -1.40 8.41
N GLY A 496 17.20 -1.54 8.05
CA GLY A 496 17.85 -2.84 8.19
C GLY A 496 17.92 -3.29 9.63
N SER A 497 18.25 -2.38 10.55
CA SER A 497 18.33 -2.76 11.96
C SER A 497 16.97 -3.19 12.48
N LEU A 498 15.92 -2.44 12.14
CA LEU A 498 14.58 -2.80 12.57
C LEU A 498 14.21 -4.19 12.05
N THR A 499 14.49 -4.44 10.77
CA THR A 499 14.12 -5.73 10.19
C THR A 499 14.89 -6.87 10.85
N ILE A 500 16.19 -6.67 11.10
CA ILE A 500 16.99 -7.72 11.72
C ILE A 500 16.48 -8.01 13.13
N LEU A 501 16.19 -6.97 13.91
CA LEU A 501 15.67 -7.19 15.25
C LEU A 501 14.33 -7.90 15.20
N THR A 502 13.47 -7.54 14.24
CA THR A 502 12.21 -8.24 14.08
C THR A 502 12.44 -9.73 13.84
N ALA A 503 13.38 -10.05 12.95
CA ALA A 503 13.57 -11.45 12.55
C ALA A 503 13.69 -12.36 13.76
N ILE A 504 14.38 -11.89 14.81
CA ILE A 504 14.50 -12.70 16.02
C ILE A 504 13.14 -12.88 16.68
N LEU A 505 12.34 -11.82 16.75
CA LEU A 505 11.05 -11.90 17.42
C LEU A 505 10.16 -12.95 16.80
N THR A 506 10.26 -13.15 15.49
CA THR A 506 9.36 -14.05 14.79
C THR A 506 9.43 -15.48 15.32
N LEU A 507 10.56 -15.87 15.93
CA LEU A 507 10.72 -17.23 16.40
C LEU A 507 9.78 -17.57 17.55
N PHE A 508 9.16 -16.57 18.18
CA PHE A 508 8.27 -16.82 19.30
C PHE A 508 6.81 -16.97 18.89
N LEU A 509 6.47 -16.72 17.64
CA LEU A 509 5.10 -16.92 17.18
C LEU A 509 4.74 -18.40 17.24
N PRO A 510 3.48 -18.75 17.50
CA PRO A 510 3.07 -20.14 17.42
C PRO A 510 3.15 -20.65 15.98
N GLU A 511 3.40 -21.95 15.85
CA GLU A 511 3.56 -22.58 14.54
C GLU A 511 2.19 -23.00 14.03
N SER A 512 1.76 -22.39 12.92
CA SER A 512 0.47 -22.67 12.32
C SER A 512 0.58 -23.46 11.02
N PHE A 513 1.77 -23.95 10.69
CA PHE A 513 1.95 -24.71 9.46
C PHE A 513 1.19 -26.04 9.55
N GLY A 514 0.48 -26.38 8.48
CA GLY A 514 -0.27 -27.63 8.47
C GLY A 514 -1.31 -27.72 9.55
N THR A 515 -2.05 -26.65 9.80
CA THR A 515 -3.06 -26.62 10.84
C THR A 515 -4.35 -26.06 10.24
N PRO A 516 -5.50 -26.67 10.50
CA PRO A 516 -6.76 -26.13 9.98
C PRO A 516 -7.08 -24.77 10.60
N LEU A 517 -7.76 -23.94 9.82
CA LEU A 517 -8.12 -22.61 10.28
C LEU A 517 -9.02 -22.70 11.51
N PRO A 518 -8.69 -22.04 12.62
CA PRO A 518 -9.59 -22.07 13.77
C PRO A 518 -10.88 -21.32 13.48
N ASP A 519 -11.94 -21.71 14.18
CA ASP A 519 -13.24 -21.07 14.05
C ASP A 519 -13.68 -20.33 15.30
N THR A 520 -13.06 -20.59 16.45
CA THR A 520 -13.44 -19.95 17.70
C THR A 520 -12.18 -19.59 18.48
N ILE A 521 -12.35 -18.67 19.43
CA ILE A 521 -11.21 -18.18 20.21
C ILE A 521 -10.60 -19.27 21.07
N ASP A 522 -11.35 -20.32 21.37
CA ASP A 522 -10.83 -21.43 22.18
C ASP A 522 -10.13 -22.50 21.34
N GLN A 523 -10.04 -22.31 20.02
CA GLN A 523 -9.37 -23.26 19.15
C GLN A 523 -8.02 -22.77 18.65
N MET A 524 -7.69 -21.50 18.83
CA MET A 524 -6.43 -20.99 18.31
C MET A 524 -5.25 -21.58 19.10
N LEU A 525 -4.08 -21.56 18.47
CA LEU A 525 -2.90 -22.13 19.07
C LEU A 525 -2.46 -21.35 20.30
N ARG A 526 -1.79 -22.03 21.21
CA ARG A 526 -1.36 -21.45 22.47
C ARG A 526 0.07 -20.95 22.35
N VAL A 527 0.30 -19.71 22.77
CA VAL A 527 1.66 -19.18 22.82
C VAL A 527 2.46 -19.92 23.87
N LYS A 528 3.77 -20.01 23.65
CA LYS A 528 4.66 -20.75 24.56
C LYS A 528 4.84 -19.93 25.84
N GLY A 529 3.84 -20.03 26.71
CA GLY A 529 3.84 -19.29 27.96
C GLY A 529 2.70 -19.69 28.87
N MET A 530 2.04 -18.70 29.47
CA MET A 530 0.90 -18.96 30.36
C MET A 530 -0.19 -19.73 29.63
NA NA B . -9.87 -3.95 -5.04
C1 152 C . -1.51 -3.22 2.22
O1A 152 C . -1.52 -3.97 3.21
O1B 152 C . -1.13 -2.04 2.18
C2 152 C . -2.02 -3.82 0.89
C3 152 C . -0.92 -4.10 -0.11
O3 152 C . -0.14 -2.95 -0.35
C4 152 C . -0.11 -5.30 0.39
N5 152 C . 0.96 -5.87 -0.52
C5A 152 C . 0.44 -6.20 -1.88
C5B 152 C . 2.11 -4.94 -0.65
C5C 152 C . 1.44 -7.14 0.11
H21 152 C . -2.49 -4.64 1.10
H22 152 C . -2.69 -3.24 0.49
H3 152 C . -1.33 -4.32 -0.95
HO3 152 C . -0.11 -2.48 0.36
H41 152 C . 0.33 -5.04 1.21
H42 152 C . -0.70 -6.04 0.60
H5A1 152 C . -0.31 -6.81 -1.81
H5A2 152 C . 1.15 -6.61 -2.39
H5A3 152 C . 0.15 -5.38 -2.31
H5B1 152 C . 1.83 -4.15 -1.11
H5B2 152 C . 2.43 -4.69 0.24
H5B3 152 C . 2.83 -5.37 -1.14
H5C1 152 C . 0.69 -7.75 0.20
H5C2 152 C . 2.13 -7.53 -0.44
H5C3 152 C . 1.79 -6.94 0.99
C1 NAG D . 18.31 53.30 -10.50
C2 NAG D . 17.86 53.95 -9.18
C3 NAG D . 18.61 55.25 -8.97
C4 NAG D . 20.11 54.99 -9.03
C5 NAG D . 20.46 54.28 -10.34
C6 NAG D . 21.92 53.93 -10.48
C7 NAG D . 15.55 53.48 -8.44
C8 NAG D . 14.11 53.89 -8.60
N2 NAG D . 16.43 54.17 -9.19
O3 NAG D . 18.21 55.78 -7.73
O4 NAG D . 20.76 56.24 -8.92
O5 NAG D . 19.70 53.10 -10.45
O6 NAG D . 22.33 53.20 -9.35
O7 NAG D . 15.88 52.58 -7.68
H1 NAG D . 18.12 53.90 -11.23
H2 NAG D . 18.06 53.33 -8.47
H3 NAG D . 18.39 55.85 -9.69
H4 NAG D . 20.35 54.41 -8.28
H5 NAG D . 20.24 54.88 -11.07
H61 NAG D . 22.04 53.44 -11.30
H62 NAG D . 22.42 54.76 -10.58
H81 NAG D . 13.81 54.30 -7.77
H82 NAG D . 14.04 54.57 -9.29
H83 NAG D . 13.51 53.16 -8.82
HN2 NAG D . 16.13 54.80 -9.70
HO3 NAG D . 18.62 56.51 -7.63
HO4 NAG D . 21.55 56.12 -8.62
HO6 NAG D . 23.17 53.06 -9.41
C1 NAG E . 9.67 48.50 -22.47
C2 NAG E . 10.71 49.56 -22.82
C3 NAG E . 10.13 50.97 -22.63
C4 NAG E . 8.80 51.11 -23.35
C5 NAG E . 7.86 49.99 -22.91
C6 NAG E . 6.50 50.02 -23.56
C7 NAG E . 13.13 49.18 -22.50
C8 NAG E . 14.20 49.03 -21.44
N2 NAG E . 11.88 49.39 -22.02
O3 NAG E . 11.08 51.89 -23.11
O4 NAG E . 8.27 52.38 -23.03
O5 NAG E . 8.47 48.75 -23.20
O6 NAG E . 5.75 48.89 -23.17
O7 NAG E . 13.39 49.11 -23.69
H1 NAG E . 9.46 48.57 -21.53
H2 NAG E . 10.96 49.45 -23.76
H3 NAG E . 9.97 51.09 -21.69
H4 NAG E . 8.96 51.02 -24.31
H5 NAG E . 7.71 50.07 -21.95
H61 NAG E . 6.07 50.85 -23.32
H62 NAG E . 6.64 50.05 -24.52
H81 NAG E . 14.80 49.79 -21.48
H82 NAG E . 13.78 49.04 -20.56
H83 NAG E . 14.72 48.22 -21.52
HN2 NAG E . 11.78 49.43 -21.16
HO3 NAG E . 11.79 51.79 -22.66
HO4 NAG E . 8.91 52.93 -22.97
HO6 NAG E . 6.21 48.20 -23.34
C1 NAG F . 21.30 33.93 -22.50
C2 NAG F . 22.77 33.57 -22.83
C3 NAG F . 22.80 32.65 -24.06
C4 NAG F . 21.86 31.47 -23.87
C5 NAG F . 20.47 31.98 -23.49
C6 NAG F . 19.45 30.87 -23.28
C7 NAG F . 24.63 35.10 -22.36
C8 NAG F . 25.31 36.38 -22.82
N2 NAG F . 23.56 34.74 -23.08
O3 NAG F . 24.13 32.25 -24.25
O4 NAG F . 21.85 30.75 -25.08
O5 NAG F . 20.57 32.75 -22.32
O6 NAG F . 18.24 31.43 -22.84
O7 NAG F . 25.07 34.46 -21.41
H1 NAG F . 20.93 34.41 -23.25
H2 NAG F . 23.14 33.10 -22.07
H3 NAG F . 22.47 33.16 -24.82
H4 NAG F . 22.21 30.92 -23.14
H5 NAG F . 20.14 32.51 -24.22
H61 NAG F . 19.35 30.38 -24.10
H62 NAG F . 19.82 30.25 -22.63
H81 NAG F . 24.72 36.85 -23.41
H82 NAG F . 25.48 36.94 -22.05
H83 NAG F . 26.15 36.22 -23.28
HN2 NAG F . 23.32 35.24 -23.74
HO3 NAG F . 24.16 31.78 -24.96
HO4 NAG F . 21.66 29.94 -24.92
HO6 NAG F . 18.41 31.95 -22.18
#